data_6VAH
#
_entry.id   6VAH
#
_cell.length_a   120.792
_cell.length_b   61.307
_cell.length_c   79.862
_cell.angle_alpha   90.000
_cell.angle_beta   118.100
_cell.angle_gamma   90.000
#
_symmetry.space_group_name_H-M   'C 1 2 1'
#
loop_
_entity.id
_entity.type
_entity.pdbx_description
1 polymer 'Transcriptional enhancer factor TEF-4'
2 non-polymer '2-fluoro-6-[(3-hexylphenyl)amino]benzoic acid'
3 non-polymer 'UNKNOWN ATOM OR ION'
4 water water
#
_entity_poly.entity_id   1
_entity_poly.type   'polypeptide(L)'
_entity_poly.pdbx_seq_one_letter_code
;MAWQARGLGTARLQLVEFSAFVEPPDAVDSYQRHLFVHISQHCPSPGAPPLESVDVRQIYDKFPEKKGGLRELYDRGPPH
AFFLVKFWADLNWGPSGEEAGAGGSISSGGFYGVSSQYESLEHMTLTCSSKVCSFGKQVVEKVETERAQLEDGRFVYRLL
RSPMCEYLVNFLHKLRQLPERYMMNSVLENFTILQVVTNRDTQELLLCTAYVFEVSTSERGAQHHIYRLVRDVEHHHHHH
;
_entity_poly.pdbx_strand_id   A,B
#
# COMPACT_ATOMS: atom_id res chain seq x y z
N ARG A 6 17.72 -13.68 -18.01
CA ARG A 6 19.05 -14.02 -17.37
C ARG A 6 18.97 -13.84 -15.85
N GLY A 7 18.21 -12.83 -15.37
CA GLY A 7 18.02 -12.54 -13.92
C GLY A 7 16.68 -11.87 -13.67
N LEU A 8 16.40 -11.44 -12.43
CA LEU A 8 15.13 -10.74 -12.07
C LEU A 8 15.29 -9.27 -12.43
N GLY A 9 14.74 -8.87 -13.57
CA GLY A 9 14.95 -7.51 -14.06
C GLY A 9 14.76 -7.45 -15.55
N THR A 10 14.52 -6.26 -16.05
CA THR A 10 14.56 -5.92 -17.48
C THR A 10 15.67 -4.91 -17.69
N ALA A 11 15.91 -4.55 -18.95
CA ALA A 11 16.83 -3.47 -19.40
C ALA A 11 16.41 -2.14 -18.78
N ARG A 12 15.16 -2.04 -18.38
CA ARG A 12 14.58 -0.77 -17.89
C ARG A 12 14.69 -0.69 -16.36
N LEU A 13 14.60 -1.81 -15.64
CA LEU A 13 14.66 -1.83 -14.16
C LEU A 13 15.13 -3.19 -13.70
N GLN A 14 16.26 -3.24 -12.99
CA GLN A 14 16.83 -4.45 -12.37
C GLN A 14 16.68 -4.39 -10.85
N LEU A 15 16.25 -5.50 -10.27
CA LEU A 15 16.36 -5.76 -8.81
C LEU A 15 17.84 -5.97 -8.50
N VAL A 16 18.39 -5.16 -7.63
CA VAL A 16 19.77 -5.36 -7.14
C VAL A 16 19.68 -6.34 -5.97
N GLU A 17 18.80 -6.06 -5.02
CA GLU A 17 18.80 -6.79 -3.74
C GLU A 17 17.42 -6.71 -3.09
N PHE A 18 16.98 -7.84 -2.56
CA PHE A 18 15.76 -7.95 -1.76
C PHE A 18 16.06 -8.84 -0.56
N SER A 19 15.55 -8.46 0.61
CA SER A 19 15.64 -9.29 1.82
C SER A 19 14.50 -8.94 2.76
N ALA A 20 14.01 -9.94 3.48
CA ALA A 20 13.13 -9.76 4.65
C ALA A 20 13.84 -10.41 5.83
N PHE A 21 13.87 -9.74 6.97
CA PHE A 21 14.85 -10.04 8.05
C PHE A 21 14.28 -9.62 9.40
N VAL A 22 14.88 -10.14 10.46
CA VAL A 22 14.60 -9.73 11.86
C VAL A 22 15.95 -9.51 12.57
N GLU A 23 16.05 -8.36 13.24
CA GLU A 23 17.18 -7.97 14.08
C GLU A 23 16.72 -8.16 15.53
N PRO A 24 17.34 -9.06 16.31
CA PRO A 24 17.01 -9.22 17.72
C PRO A 24 17.21 -7.91 18.48
N PRO A 25 16.59 -7.75 19.68
CA PRO A 25 16.91 -6.61 20.55
C PRO A 25 18.42 -6.57 20.89
N ASP A 26 19.05 -7.74 21.06
CA ASP A 26 20.52 -7.93 21.19
C ASP A 26 21.26 -6.95 20.25
N ALA A 27 20.91 -6.97 18.95
CA ALA A 27 21.67 -6.43 17.79
C ALA A 27 22.35 -5.08 18.05
N VAL A 28 21.78 -4.26 18.95
CA VAL A 28 22.42 -3.02 19.49
C VAL A 28 23.79 -3.36 20.13
N ASP A 29 23.84 -4.40 20.97
CA ASP A 29 25.09 -4.88 21.63
C ASP A 29 26.03 -5.47 20.56
N SER A 30 25.77 -6.69 20.09
CA SER A 30 26.45 -7.32 18.93
C SER A 30 25.44 -7.50 17.78
N TYR A 31 25.72 -6.91 16.60
CA TYR A 31 24.75 -6.82 15.49
C TYR A 31 24.58 -8.19 14.84
N GLN A 32 23.35 -8.67 14.79
CA GLN A 32 22.93 -9.90 14.07
C GLN A 32 21.70 -9.54 13.22
N ARG A 33 21.51 -10.19 12.07
CA ARG A 33 20.19 -10.23 11.40
C ARG A 33 19.96 -11.66 10.93
N HIS A 34 18.72 -12.12 11.02
CA HIS A 34 18.22 -13.36 10.40
C HIS A 34 17.49 -13.01 9.09
N LEU A 35 17.87 -13.64 7.98
CA LEU A 35 17.18 -13.48 6.69
C LEU A 35 16.12 -14.58 6.56
N PHE A 36 14.84 -14.20 6.53
CA PHE A 36 13.73 -15.12 6.15
C PHE A 36 13.90 -15.49 4.68
N VAL A 37 14.16 -14.50 3.81
CA VAL A 37 14.43 -14.71 2.34
C VAL A 37 15.40 -13.63 1.87
N HIS A 38 16.11 -13.86 0.77
CA HIS A 38 17.21 -12.98 0.29
C HIS A 38 17.43 -13.20 -1.20
N ILE A 39 17.45 -12.11 -1.98
CA ILE A 39 17.97 -12.11 -3.38
C ILE A 39 19.04 -11.02 -3.48
N SER A 40 20.21 -11.37 -3.99
CA SER A 40 21.26 -10.41 -4.39
C SER A 40 21.63 -10.68 -5.84
N GLN A 41 21.65 -9.63 -6.65
CA GLN A 41 22.05 -9.65 -8.08
C GLN A 41 23.10 -8.56 -8.28
N HIS A 42 23.96 -8.33 -7.27
CA HIS A 42 25.04 -7.31 -7.26
C HIS A 42 26.06 -7.59 -8.38
N PRO A 49 23.30 -17.77 -19.12
CA PRO A 49 22.38 -18.70 -18.46
C PRO A 49 20.96 -18.12 -18.43
N PRO A 50 20.08 -18.49 -19.38
CA PRO A 50 18.72 -17.95 -19.44
C PRO A 50 17.83 -18.61 -18.37
N LEU A 51 16.78 -17.91 -17.89
CA LEU A 51 15.87 -18.45 -16.85
C LEU A 51 14.89 -19.43 -17.50
N GLU A 52 14.56 -20.49 -16.77
CA GLU A 52 13.41 -21.36 -17.04
C GLU A 52 12.14 -20.50 -17.02
N SER A 53 11.08 -21.04 -17.59
CA SER A 53 9.81 -20.35 -17.83
C SER A 53 8.68 -21.17 -17.17
N VAL A 54 7.65 -20.49 -16.68
CA VAL A 54 6.44 -21.10 -16.08
C VAL A 54 5.26 -20.42 -16.73
N ASP A 55 4.26 -21.19 -17.16
CA ASP A 55 3.02 -20.69 -17.79
C ASP A 55 2.21 -19.97 -16.71
N VAL A 56 1.97 -18.68 -16.91
CA VAL A 56 1.27 -17.79 -15.95
C VAL A 56 -0.11 -18.36 -15.63
N ARG A 57 -0.72 -19.08 -16.57
CA ARG A 57 -2.09 -19.64 -16.42
C ARG A 57 -2.13 -20.62 -15.23
N GLN A 58 -1.02 -21.30 -14.93
CA GLN A 58 -0.94 -22.34 -13.85
C GLN A 58 -1.00 -21.69 -12.45
N ILE A 59 -0.93 -20.37 -12.32
CA ILE A 59 -0.88 -19.73 -10.97
C ILE A 59 -1.89 -18.59 -10.89
N TYR A 60 -2.73 -18.39 -11.91
CA TYR A 60 -3.76 -17.33 -11.91
C TYR A 60 -4.51 -17.35 -10.57
N ASP A 61 -4.78 -18.55 -10.05
CA ASP A 61 -5.75 -18.78 -8.95
C ASP A 61 -5.08 -18.60 -7.58
N LYS A 62 -3.74 -18.47 -7.54
CA LYS A 62 -2.98 -18.13 -6.32
C LYS A 62 -3.00 -16.61 -6.11
N PHE A 63 -3.60 -15.85 -7.03
CA PHE A 63 -3.62 -14.38 -6.97
C PHE A 63 -5.05 -13.88 -7.18
N PRO A 64 -5.33 -12.60 -6.90
CA PRO A 64 -6.70 -12.09 -7.07
C PRO A 64 -7.21 -12.17 -8.51
N GLU A 65 -8.53 -11.95 -8.67
N GLU A 65 -8.54 -12.13 -8.69
CA GLU A 65 -9.20 -11.68 -9.97
CA GLU A 65 -9.23 -12.54 -9.95
C GLU A 65 -9.56 -10.19 -10.04
C GLU A 65 -9.56 -11.32 -10.83
N LYS A 66 -10.06 -9.74 -11.19
N LYS A 66 -9.54 -10.11 -10.23
CA LYS A 66 -10.37 -8.32 -11.47
CA LYS A 66 -9.95 -8.85 -10.91
C LYS A 66 -9.06 -7.52 -11.47
C LYS A 66 -8.76 -7.86 -10.90
N LYS A 67 -9.11 -6.22 -11.20
N LYS A 67 -9.03 -6.58 -11.20
CA LYS A 67 -7.97 -5.27 -11.29
CA LYS A 67 -7.99 -5.51 -11.33
C LYS A 67 -6.86 -5.71 -10.33
C LYS A 67 -6.85 -5.77 -10.33
N GLY A 68 -5.60 -5.67 -10.79
CA GLY A 68 -4.41 -6.02 -10.00
C GLY A 68 -4.35 -7.52 -9.72
N GLY A 69 -5.20 -8.31 -10.39
CA GLY A 69 -5.01 -9.75 -10.57
C GLY A 69 -3.97 -10.04 -11.66
N LEU A 70 -3.42 -11.23 -11.66
CA LEU A 70 -2.28 -11.60 -12.53
C LEU A 70 -2.72 -11.58 -13.99
N ARG A 71 -3.96 -11.99 -14.27
CA ARG A 71 -4.45 -12.12 -15.67
C ARG A 71 -4.61 -10.73 -16.25
N GLU A 72 -5.24 -9.83 -15.50
CA GLU A 72 -5.43 -8.41 -15.92
C GLU A 72 -4.08 -7.73 -16.09
N LEU A 73 -3.11 -8.04 -15.23
CA LEU A 73 -1.79 -7.38 -15.27
C LEU A 73 -1.04 -7.90 -16.50
N TYR A 74 -1.09 -9.19 -16.75
CA TYR A 74 -0.37 -9.80 -17.88
C TYR A 74 -0.93 -9.22 -19.17
N ASP A 75 -2.25 -9.05 -19.26
CA ASP A 75 -2.93 -8.49 -20.47
C ASP A 75 -2.49 -7.04 -20.66
N ARG A 76 -2.31 -6.30 -19.57
CA ARG A 76 -1.81 -4.90 -19.56
C ARG A 76 -0.38 -4.88 -20.12
N GLY A 77 0.43 -5.88 -19.75
CA GLY A 77 1.83 -6.05 -20.18
C GLY A 77 2.74 -4.96 -19.62
N PRO A 78 4.02 -4.90 -20.02
CA PRO A 78 4.53 -5.79 -21.06
C PRO A 78 4.89 -7.19 -20.56
N PRO A 79 4.66 -8.23 -21.40
CA PRO A 79 4.83 -9.62 -20.98
C PRO A 79 6.23 -10.02 -20.49
N HIS A 80 7.29 -9.41 -21.00
CA HIS A 80 8.67 -9.76 -20.56
C HIS A 80 8.94 -9.29 -19.12
N ALA A 81 8.05 -8.52 -18.50
CA ALA A 81 8.32 -7.87 -17.19
C ALA A 81 7.88 -8.76 -16.02
N PHE A 82 7.40 -9.98 -16.28
CA PHE A 82 6.74 -10.90 -15.30
C PHE A 82 7.67 -12.08 -14.90
N PHE A 83 7.84 -12.26 -13.60
CA PHE A 83 8.76 -13.23 -12.96
C PHE A 83 8.04 -13.96 -11.83
N LEU A 84 8.40 -15.22 -11.62
CA LEU A 84 7.98 -16.03 -10.46
C LEU A 84 9.23 -16.34 -9.63
N VAL A 85 9.19 -16.02 -8.35
CA VAL A 85 10.24 -16.41 -7.37
C VAL A 85 9.66 -17.46 -6.44
N LYS A 86 10.24 -18.65 -6.47
CA LYS A 86 10.05 -19.68 -5.41
C LYS A 86 11.07 -19.44 -4.31
N PHE A 87 10.62 -19.19 -3.10
CA PHE A 87 11.47 -19.05 -1.90
C PHE A 87 11.37 -20.31 -1.03
N TRP A 88 12.50 -20.76 -0.52
CA TRP A 88 12.62 -21.60 0.68
C TRP A 88 12.97 -20.69 1.85
N ALA A 89 11.97 -20.25 2.60
CA ALA A 89 12.11 -19.31 3.72
C ALA A 89 12.83 -20.02 4.86
N ASP A 90 13.75 -19.32 5.51
CA ASP A 90 14.44 -19.75 6.73
C ASP A 90 13.64 -19.27 7.94
N LEU A 91 12.88 -20.18 8.56
CA LEU A 91 12.01 -19.91 9.75
C LEU A 91 12.68 -20.41 11.03
N ASN A 92 14.02 -20.57 11.01
CA ASN A 92 14.83 -21.11 12.13
C ASN A 92 15.57 -19.95 12.82
N TRP A 93 14.91 -19.31 13.77
CA TRP A 93 15.46 -18.22 14.59
C TRP A 93 14.75 -18.22 15.94
N GLY A 109 10.37 -9.45 20.27
CA GLY A 109 10.09 -8.01 20.09
C GLY A 109 11.21 -7.29 19.37
N GLY A 110 11.92 -8.00 18.48
CA GLY A 110 12.96 -7.45 17.58
C GLY A 110 12.38 -6.51 16.52
N PHE A 111 13.19 -6.09 15.56
CA PHE A 111 12.74 -5.27 14.41
C PHE A 111 12.59 -6.19 13.20
N TYR A 112 11.37 -6.28 12.68
CA TYR A 112 11.04 -7.03 11.46
C TYR A 112 11.04 -6.06 10.27
N GLY A 113 11.87 -6.32 9.27
CA GLY A 113 12.06 -5.38 8.16
C GLY A 113 12.12 -6.03 6.80
N VAL A 114 11.87 -5.20 5.79
CA VAL A 114 11.96 -5.54 4.34
C VAL A 114 12.78 -4.44 3.65
N SER A 115 13.72 -4.84 2.81
CA SER A 115 14.67 -3.94 2.12
C SER A 115 14.75 -4.34 0.64
N SER A 116 14.52 -3.37 -0.25
CA SER A 116 14.48 -3.54 -1.73
C SER A 116 15.37 -2.48 -2.36
N GLN A 117 16.19 -2.87 -3.34
CA GLN A 117 17.00 -1.92 -4.13
C GLN A 117 16.87 -2.29 -5.60
N TYR A 118 16.55 -1.30 -6.44
CA TYR A 118 16.48 -1.44 -7.91
C TYR A 118 17.42 -0.43 -8.58
N GLU A 119 17.79 -0.72 -9.83
CA GLU A 119 18.63 0.18 -10.62
C GLU A 119 18.03 0.35 -12.03
N SER A 120 18.30 1.51 -12.62
CA SER A 120 17.89 1.86 -14.00
C SER A 120 18.89 2.85 -14.58
N LEU A 121 18.96 2.94 -15.90
CA LEU A 121 19.63 4.03 -16.64
C LEU A 121 18.71 5.24 -16.71
N GLU A 122 17.43 5.04 -16.45
CA GLU A 122 16.37 6.08 -16.57
C GLU A 122 16.08 6.67 -15.18
N HIS A 123 15.86 7.98 -15.13
CA HIS A 123 15.41 8.70 -13.92
C HIS A 123 13.89 8.63 -13.89
N MET A 124 13.33 8.03 -12.85
CA MET A 124 11.87 7.84 -12.71
C MET A 124 11.46 8.05 -11.25
N THR A 125 10.17 8.19 -11.01
CA THR A 125 9.56 7.92 -9.69
C THR A 125 8.82 6.57 -9.80
N LEU A 126 9.20 5.61 -8.95
CA LEU A 126 8.60 4.25 -8.89
C LEU A 126 7.44 4.28 -7.88
N THR A 127 6.36 3.59 -8.19
CA THR A 127 5.37 3.06 -7.22
C THR A 127 5.61 1.55 -7.11
N CYS A 128 5.81 1.07 -5.89
N CYS A 128 5.99 1.04 -5.93
CA CYS A 128 6.00 -0.36 -5.55
CA CYS A 128 5.98 -0.41 -5.60
C CYS A 128 4.84 -0.83 -4.68
C CYS A 128 4.73 -0.70 -4.78
N SER A 129 3.96 -1.68 -5.24
CA SER A 129 2.81 -2.28 -4.54
C SER A 129 3.14 -3.73 -4.18
N SER A 130 2.99 -4.10 -2.92
CA SER A 130 3.14 -5.48 -2.40
C SER A 130 1.79 -5.95 -1.83
N LYS A 131 1.28 -7.06 -2.32
CA LYS A 131 0.00 -7.68 -1.89
C LYS A 131 0.29 -9.05 -1.30
N VAL A 132 -0.15 -9.30 -0.07
CA VAL A 132 -0.26 -10.67 0.52
C VAL A 132 -1.60 -11.25 0.11
N CYS A 133 -1.61 -12.49 -0.34
CA CYS A 133 -2.84 -13.21 -0.75
C CYS A 133 -2.94 -14.52 0.02
N SER A 134 -4.15 -14.83 0.51
CA SER A 134 -4.46 -16.11 1.19
C SER A 134 -5.56 -16.82 0.40
N PHE A 135 -5.30 -18.03 -0.10
CA PHE A 135 -6.21 -18.76 -1.00
C PHE A 135 -6.62 -17.86 -2.19
N GLY A 136 -5.69 -17.03 -2.67
CA GLY A 136 -5.88 -16.21 -3.90
C GLY A 136 -6.53 -14.87 -3.62
N LYS A 137 -6.90 -14.57 -2.37
CA LYS A 137 -7.59 -13.32 -2.00
C LYS A 137 -6.61 -12.36 -1.30
N GLN A 138 -6.71 -11.08 -1.66
CA GLN A 138 -5.89 -10.00 -1.08
C GLN A 138 -6.23 -9.87 0.39
N VAL A 139 -5.24 -9.88 1.27
CA VAL A 139 -5.50 -9.71 2.73
C VAL A 139 -4.84 -8.41 3.20
N VAL A 140 -3.65 -8.07 2.72
CA VAL A 140 -2.97 -6.80 3.11
C VAL A 140 -2.13 -6.30 1.92
N GLU A 141 -2.12 -4.99 1.70
CA GLU A 141 -1.39 -4.33 0.60
C GLU A 141 -0.57 -3.17 1.16
N LYS A 142 0.71 -3.06 0.77
CA LYS A 142 1.56 -1.87 1.06
C LYS A 142 1.94 -1.21 -0.27
N VAL A 143 1.72 0.10 -0.40
CA VAL A 143 2.09 0.89 -1.60
C VAL A 143 3.08 1.99 -1.19
N GLU A 144 4.26 2.02 -1.81
CA GLU A 144 5.36 2.98 -1.52
C GLU A 144 5.75 3.65 -2.82
N THR A 145 6.13 4.93 -2.79
CA THR A 145 6.78 5.60 -3.94
C THR A 145 8.23 5.88 -3.58
N GLU A 146 9.13 5.82 -4.56
CA GLU A 146 10.58 6.08 -4.37
C GLU A 146 11.13 6.83 -5.60
N ARG A 147 11.57 8.07 -5.41
CA ARG A 147 12.27 8.89 -6.43
C ARG A 147 13.70 8.38 -6.58
N ALA A 148 14.20 8.38 -7.82
CA ALA A 148 15.58 7.96 -8.20
C ALA A 148 16.61 8.80 -7.45
N GLN A 149 17.76 8.20 -7.17
CA GLN A 149 18.96 8.91 -6.66
C GLN A 149 20.14 8.49 -7.51
N LEU A 150 21.04 9.42 -7.77
CA LEU A 150 22.20 9.24 -8.65
C LEU A 150 23.23 8.37 -7.92
N GLU A 151 23.78 7.38 -8.61
CA GLU A 151 24.90 6.52 -8.13
C GLU A 151 25.92 6.47 -9.28
N ASP A 152 26.90 5.57 -9.21
CA ASP A 152 27.99 5.52 -10.23
C ASP A 152 27.42 5.01 -11.55
N GLY A 153 27.14 5.93 -12.50
CA GLY A 153 26.68 5.62 -13.87
C GLY A 153 25.39 4.80 -13.89
N ARG A 154 24.45 5.09 -12.99
CA ARG A 154 23.10 4.47 -12.93
C ARG A 154 22.27 5.21 -11.87
N PHE A 155 20.94 5.10 -11.93
CA PHE A 155 20.03 5.55 -10.86
C PHE A 155 19.71 4.36 -9.96
N VAL A 156 19.47 4.64 -8.68
CA VAL A 156 19.17 3.61 -7.65
C VAL A 156 17.92 4.05 -6.93
N TYR A 157 17.06 3.08 -6.65
CA TYR A 157 15.81 3.23 -5.91
C TYR A 157 15.98 2.43 -4.62
N ARG A 158 16.09 3.11 -3.48
N ARG A 158 16.05 3.12 -3.49
CA ARG A 158 16.44 2.48 -2.17
CA ARG A 158 16.39 2.58 -2.16
C ARG A 158 15.20 2.55 -1.27
C ARG A 158 15.12 2.57 -1.29
N LEU A 159 14.56 1.38 -1.06
CA LEU A 159 13.43 1.21 -0.11
C LEU A 159 13.94 0.33 1.03
N LEU A 160 14.82 0.84 1.87
CA LEU A 160 15.57 0.01 2.83
C LEU A 160 14.90 0.11 4.20
N ARG A 161 14.84 -1.02 4.93
CA ARG A 161 14.46 -1.09 6.37
C ARG A 161 13.03 -0.63 6.57
N SER A 162 12.17 -0.96 5.63
CA SER A 162 10.72 -0.69 5.69
C SER A 162 10.18 -1.66 6.72
N PRO A 163 9.41 -1.22 7.75
CA PRO A 163 9.01 -2.11 8.82
C PRO A 163 7.97 -3.09 8.25
N MET A 164 8.13 -4.39 8.56
CA MET A 164 7.22 -5.46 8.13
C MET A 164 5.84 -5.21 8.75
N CYS A 165 4.76 -5.32 7.98
CA CYS A 165 3.39 -5.09 8.50
C CYS A 165 3.07 -6.13 9.61
N GLU A 166 2.27 -5.74 10.61
CA GLU A 166 1.85 -6.56 11.76
C GLU A 166 1.34 -7.93 11.26
N TYR A 167 0.62 -7.97 10.14
CA TYR A 167 0.01 -9.22 9.68
C TYR A 167 1.11 -10.26 9.44
N LEU A 168 2.18 -9.88 8.77
CA LEU A 168 3.24 -10.83 8.38
C LEU A 168 4.08 -11.18 9.61
N VAL A 169 4.36 -10.21 10.48
CA VAL A 169 5.12 -10.48 11.72
C VAL A 169 4.35 -11.56 12.49
N ASN A 170 3.06 -11.35 12.68
CA ASN A 170 2.18 -12.31 13.41
C ASN A 170 2.16 -13.65 12.68
N PHE A 171 1.91 -13.63 11.38
CA PHE A 171 1.96 -14.87 10.54
C PHE A 171 3.26 -15.63 10.81
N LEU A 172 4.42 -14.97 10.71
CA LEU A 172 5.74 -15.65 10.87
C LEU A 172 5.86 -16.26 12.27
N HIS A 173 5.35 -15.60 13.31
CA HIS A 173 5.42 -16.14 14.70
C HIS A 173 4.56 -17.41 14.80
N LYS A 174 3.38 -17.41 14.21
CA LYS A 174 2.52 -18.62 14.22
C LYS A 174 3.21 -19.74 13.43
N LEU A 175 3.67 -19.45 12.20
CA LEU A 175 4.27 -20.44 11.26
C LEU A 175 5.42 -21.15 11.98
N ARG A 176 6.28 -20.36 12.60
CA ARG A 176 7.44 -20.76 13.43
C ARG A 176 7.07 -21.89 14.41
N GLN A 177 5.86 -21.86 14.97
CA GLN A 177 5.44 -22.69 16.14
C GLN A 177 4.76 -24.00 15.71
N LEU A 178 4.39 -24.19 14.43
CA LEU A 178 3.81 -25.47 13.94
C LEU A 178 4.76 -26.63 14.24
N PRO A 179 4.24 -27.84 14.55
CA PRO A 179 5.09 -28.94 15.02
C PRO A 179 5.80 -29.74 13.92
N GLU A 180 5.46 -29.52 12.65
CA GLU A 180 6.01 -30.28 11.50
C GLU A 180 6.26 -29.34 10.32
N ARG A 181 7.30 -29.63 9.53
CA ARG A 181 7.68 -28.90 8.31
C ARG A 181 6.59 -29.05 7.26
N TYR A 182 6.02 -30.25 7.12
CA TYR A 182 5.02 -30.55 6.07
C TYR A 182 3.74 -29.70 6.32
N MET A 183 3.45 -29.39 7.59
CA MET A 183 2.30 -28.54 7.98
C MET A 183 2.61 -27.08 7.62
N MET A 184 3.80 -26.60 7.91
CA MET A 184 4.30 -25.29 7.40
C MET A 184 4.17 -25.22 5.87
N ASN A 185 4.63 -26.24 5.14
CA ASN A 185 4.55 -26.23 3.65
C ASN A 185 3.11 -26.26 3.18
N SER A 186 2.23 -26.99 3.90
CA SER A 186 0.76 -27.03 3.59
C SER A 186 0.12 -25.65 3.79
N VAL A 187 0.45 -24.96 4.88
CA VAL A 187 -0.04 -23.57 5.10
C VAL A 187 0.49 -22.67 3.96
N LEU A 188 1.79 -22.76 3.63
CA LEU A 188 2.43 -21.80 2.67
C LEU A 188 1.88 -22.04 1.26
N GLU A 189 1.30 -23.21 1.00
CA GLU A 189 0.73 -23.57 -0.32
C GLU A 189 -0.27 -22.50 -0.72
N ASN A 190 -0.98 -21.94 0.28
CA ASN A 190 -2.10 -20.99 0.10
C ASN A 190 -1.67 -19.54 0.42
N PHE A 191 -0.38 -19.28 0.57
CA PHE A 191 0.17 -17.95 0.88
C PHE A 191 1.08 -17.48 -0.26
N THR A 192 0.74 -16.36 -0.87
CA THR A 192 1.54 -15.79 -1.97
C THR A 192 1.69 -14.28 -1.81
N ILE A 193 2.68 -13.73 -2.49
CA ILE A 193 2.94 -12.27 -2.54
C ILE A 193 3.10 -11.87 -4.01
N LEU A 194 2.38 -10.82 -4.39
CA LEU A 194 2.54 -10.13 -5.70
C LEU A 194 3.11 -8.74 -5.49
N GLN A 195 4.25 -8.47 -6.14
CA GLN A 195 4.86 -7.12 -6.27
C GLN A 195 4.72 -6.61 -7.70
N VAL A 196 4.21 -5.40 -7.80
CA VAL A 196 4.08 -4.64 -9.07
C VAL A 196 4.81 -3.33 -8.88
N VAL A 197 5.82 -3.08 -9.69
CA VAL A 197 6.58 -1.81 -9.73
C VAL A 197 6.20 -1.09 -11.01
N THR A 198 5.70 0.13 -10.90
CA THR A 198 5.24 0.97 -12.02
C THR A 198 5.96 2.31 -11.98
N ASN A 199 6.08 2.93 -13.15
CA ASN A 199 6.44 4.36 -13.34
C ASN A 199 5.26 5.18 -12.82
N ARG A 200 5.41 5.86 -11.67
CA ARG A 200 4.32 6.66 -11.06
C ARG A 200 3.82 7.72 -12.05
N ASP A 201 4.68 8.24 -12.92
CA ASP A 201 4.29 9.34 -13.85
C ASP A 201 3.46 8.79 -15.01
N THR A 202 3.90 7.70 -15.66
CA THR A 202 3.29 7.18 -16.92
C THR A 202 2.41 5.94 -16.66
N GLN A 203 2.37 5.42 -15.43
CA GLN A 203 1.67 4.18 -15.05
C GLN A 203 2.11 3.00 -15.96
N GLU A 204 3.28 3.04 -16.59
CA GLU A 204 3.87 1.84 -17.22
C GLU A 204 4.29 0.85 -16.13
N LEU A 205 3.89 -0.41 -16.26
CA LEU A 205 4.46 -1.55 -15.49
C LEU A 205 5.94 -1.79 -15.87
N LEU A 206 6.82 -1.88 -14.87
CA LEU A 206 8.28 -2.10 -15.05
C LEU A 206 8.62 -3.52 -14.66
N LEU A 207 8.04 -4.00 -13.56
CA LEU A 207 8.40 -5.33 -12.99
C LEU A 207 7.18 -5.84 -12.25
N CYS A 208 6.78 -7.07 -12.51
CA CYS A 208 5.78 -7.79 -11.72
C CYS A 208 6.39 -9.13 -11.27
N THR A 209 6.44 -9.36 -9.96
CA THR A 209 7.01 -10.57 -9.34
C THR A 209 5.93 -11.25 -8.50
N ALA A 210 5.57 -12.47 -8.85
CA ALA A 210 4.78 -13.39 -8.03
C ALA A 210 5.73 -14.20 -7.14
N TYR A 211 5.44 -14.27 -5.85
CA TYR A 211 6.24 -15.08 -4.89
C TYR A 211 5.43 -16.26 -4.41
N VAL A 212 6.01 -17.47 -4.47
CA VAL A 212 5.49 -18.68 -3.79
C VAL A 212 6.55 -19.19 -2.81
N PHE A 213 6.13 -19.95 -1.82
CA PHE A 213 6.89 -20.14 -0.56
C PHE A 213 6.81 -21.60 -0.12
N GLU A 214 7.94 -22.09 0.37
CA GLU A 214 8.10 -23.32 1.15
C GLU A 214 9.04 -22.99 2.29
N VAL A 215 9.09 -23.84 3.30
CA VAL A 215 10.08 -23.68 4.40
C VAL A 215 11.33 -24.44 3.99
N SER A 216 12.49 -23.86 4.24
CA SER A 216 13.79 -24.55 4.21
C SER A 216 13.86 -25.52 5.41
N THR A 217 14.70 -26.54 5.32
CA THR A 217 15.09 -27.44 6.45
C THR A 217 15.70 -26.61 7.60
N SER A 218 15.72 -27.17 8.81
CA SER A 218 16.34 -26.62 10.05
C SER A 218 17.78 -26.15 9.80
N GLU A 219 18.56 -26.91 9.01
CA GLU A 219 20.03 -26.72 8.84
C GLU A 219 20.32 -25.72 7.69
N ARG A 220 19.43 -25.62 6.69
CA ARG A 220 19.66 -24.82 5.46
C ARG A 220 19.04 -23.43 5.59
N GLY A 221 19.69 -22.43 5.00
CA GLY A 221 19.24 -21.04 5.00
C GLY A 221 18.27 -20.80 3.87
N ALA A 222 17.94 -19.53 3.64
CA ALA A 222 17.00 -19.10 2.58
C ALA A 222 17.60 -19.37 1.18
N GLN A 223 16.81 -19.98 0.30
CA GLN A 223 17.16 -20.11 -1.12
C GLN A 223 15.97 -19.61 -1.95
N HIS A 224 16.19 -19.42 -3.23
CA HIS A 224 15.17 -19.00 -4.20
C HIS A 224 15.50 -19.63 -5.54
N HIS A 225 14.51 -19.77 -6.39
CA HIS A 225 14.67 -20.01 -7.84
C HIS A 225 13.81 -18.98 -8.56
N ILE A 226 14.35 -18.32 -9.57
CA ILE A 226 13.64 -17.30 -10.40
C ILE A 226 13.23 -17.93 -11.74
N TYR A 227 11.96 -17.79 -12.13
CA TYR A 227 11.44 -18.16 -13.46
C TYR A 227 10.95 -16.90 -14.19
N ARG A 228 11.02 -16.92 -15.53
CA ARG A 228 10.20 -16.05 -16.42
C ARG A 228 8.77 -16.57 -16.39
N LEU A 229 7.79 -15.69 -16.27
CA LEU A 229 6.35 -16.04 -16.43
C LEU A 229 6.00 -15.79 -17.89
N VAL A 230 5.42 -16.79 -18.55
CA VAL A 230 5.07 -16.74 -19.99
C VAL A 230 3.62 -17.15 -20.17
N ARG A 231 3.08 -16.78 -21.32
CA ARG A 231 1.75 -17.17 -21.82
C ARG A 231 1.90 -17.49 -23.31
N ASP A 232 1.48 -18.67 -23.76
CA ASP A 232 1.46 -19.06 -25.19
C ASP A 232 0.67 -18.00 -25.98
N VAL A 233 1.35 -17.23 -26.84
CA VAL A 233 0.72 -16.40 -27.91
C VAL A 233 -0.41 -17.24 -28.55
N GLU A 234 -0.11 -18.47 -29.01
CA GLU A 234 -1.06 -19.46 -29.59
C GLU A 234 -2.47 -19.29 -28.99
N GLY B 7 -13.12 24.40 7.36
CA GLY B 7 -11.67 24.59 7.68
C GLY B 7 -11.06 23.34 8.28
N LEU B 8 -10.90 22.28 7.48
CA LEU B 8 -9.95 21.16 7.77
C LEU B 8 -8.53 21.72 7.60
N GLY B 9 -7.74 21.79 8.70
CA GLY B 9 -6.50 22.60 8.71
C GLY B 9 -5.97 22.86 10.11
N THR B 10 -4.66 23.04 10.21
CA THR B 10 -3.94 23.66 11.34
C THR B 10 -3.41 25.01 10.86
N ALA B 11 -2.70 25.73 11.75
CA ALA B 11 -1.80 26.87 11.40
C ALA B 11 -0.85 26.43 10.27
N ARG B 12 -0.16 25.31 10.48
CA ARG B 12 0.96 24.80 9.64
C ARG B 12 0.47 24.30 8.27
N LEU B 13 -0.68 23.62 8.17
CA LEU B 13 -1.14 22.99 6.88
C LEU B 13 -2.67 22.93 6.82
N GLN B 14 -3.23 23.27 5.66
CA GLN B 14 -4.69 23.30 5.42
C GLN B 14 -5.02 22.46 4.18
N LEU B 15 -6.15 21.72 4.21
CA LEU B 15 -6.68 21.02 3.01
C LEU B 15 -7.28 22.07 2.10
N VAL B 16 -7.01 22.01 0.80
CA VAL B 16 -7.58 22.96 -0.19
C VAL B 16 -8.69 22.25 -0.95
N GLU B 17 -8.40 21.06 -1.49
CA GLU B 17 -9.36 20.24 -2.25
C GLU B 17 -9.07 18.76 -2.03
N PHE B 18 -10.11 17.92 -1.96
CA PHE B 18 -10.03 16.45 -2.04
C PHE B 18 -11.15 15.94 -2.94
N SER B 19 -10.84 15.00 -3.81
CA SER B 19 -11.82 14.35 -4.70
C SER B 19 -11.40 12.90 -5.01
N ALA B 20 -12.37 12.00 -5.06
CA ALA B 20 -12.23 10.62 -5.59
C ALA B 20 -13.27 10.43 -6.67
N PHE B 21 -12.86 9.91 -7.82
CA PHE B 21 -13.65 10.03 -9.08
C PHE B 21 -13.37 8.85 -10.01
N VAL B 22 -14.22 8.73 -11.03
CA VAL B 22 -13.98 7.86 -12.21
C VAL B 22 -14.31 8.66 -13.48
N GLU B 23 -13.44 8.53 -14.47
CA GLU B 23 -13.51 9.19 -15.81
C GLU B 23 -13.86 8.11 -16.84
N PRO B 24 -14.66 8.46 -17.85
CA PRO B 24 -15.29 7.52 -18.81
C PRO B 24 -14.28 6.43 -19.25
N GLN B 32 -17.12 15.01 -17.87
CA GLN B 32 -17.26 13.59 -18.25
C GLN B 32 -16.60 12.69 -17.19
N ARG B 33 -16.60 13.12 -15.91
CA ARG B 33 -15.99 12.37 -14.77
C ARG B 33 -16.91 12.44 -13.53
N HIS B 34 -17.06 11.31 -12.82
CA HIS B 34 -18.03 11.13 -11.71
C HIS B 34 -17.29 11.20 -10.38
N LEU B 35 -17.73 12.07 -9.47
CA LEU B 35 -17.15 12.27 -8.12
C LEU B 35 -17.89 11.40 -7.12
N PHE B 36 -17.19 10.49 -6.46
CA PHE B 36 -17.73 9.64 -5.38
C PHE B 36 -17.89 10.52 -4.15
N VAL B 37 -16.84 11.29 -3.88
CA VAL B 37 -16.79 12.25 -2.75
C VAL B 37 -15.96 13.46 -3.23
N HIS B 38 -16.18 14.61 -2.60
CA HIS B 38 -15.61 15.92 -3.02
C HIS B 38 -15.64 16.88 -1.84
N ILE B 39 -14.48 17.45 -1.48
CA ILE B 39 -14.35 18.60 -0.55
C ILE B 39 -13.60 19.72 -1.27
N SER B 40 -14.32 20.69 -1.85
CA SER B 40 -13.78 22.02 -2.30
C SER B 40 -13.66 22.95 -1.07
N GLN B 41 -12.57 23.70 -0.96
CA GLN B 41 -12.28 24.52 0.27
C GLN B 41 -11.25 25.61 -0.07
CA PRO B 49 -19.65 28.47 9.77
C PRO B 49 -18.65 27.87 10.76
N PRO B 50 -18.99 27.85 12.08
CA PRO B 50 -18.23 27.09 13.08
C PRO B 50 -18.21 25.57 12.83
N LEU B 51 -17.45 24.81 13.64
CA LEU B 51 -17.16 23.36 13.38
C LEU B 51 -17.30 22.54 14.68
N GLU B 52 -18.07 21.43 14.62
CA GLU B 52 -18.54 20.63 15.78
C GLU B 52 -17.46 19.60 16.17
N SER B 53 -17.54 19.05 17.38
CA SER B 53 -16.51 18.16 17.96
C SER B 53 -17.12 16.79 18.25
N VAL B 54 -16.34 15.71 18.02
CA VAL B 54 -16.71 14.30 18.30
C VAL B 54 -15.64 13.70 19.22
N ASP B 55 -16.04 12.91 20.21
CA ASP B 55 -15.09 12.28 21.16
C ASP B 55 -14.42 11.10 20.46
N VAL B 56 -13.12 11.20 20.21
CA VAL B 56 -12.30 10.16 19.50
C VAL B 56 -12.61 8.78 20.09
N ARG B 57 -12.91 8.69 21.38
CA ARG B 57 -13.25 7.42 22.08
C ARG B 57 -14.40 6.72 21.35
N GLN B 58 -15.32 7.51 20.75
CA GLN B 58 -16.54 7.03 20.04
C GLN B 58 -16.18 6.21 18.79
N ILE B 59 -15.01 6.42 18.17
CA ILE B 59 -14.63 5.82 16.86
C ILE B 59 -13.36 4.96 16.97
N TYR B 60 -12.77 4.83 18.16
CA TYR B 60 -11.57 3.99 18.47
C TYR B 60 -11.67 2.63 17.78
N ASP B 61 -12.84 1.99 17.93
CA ASP B 61 -13.15 0.60 17.46
C ASP B 61 -12.92 0.48 15.94
N LYS B 62 -13.10 1.55 15.16
CA LYS B 62 -13.16 1.52 13.66
C LYS B 62 -11.74 1.58 13.05
N PHE B 63 -10.69 1.65 13.87
CA PHE B 63 -9.27 1.78 13.42
C PHE B 63 -8.40 0.80 14.22
N PRO B 64 -7.21 0.42 13.72
CA PRO B 64 -6.36 -0.57 14.39
C PRO B 64 -5.93 -0.13 15.80
N GLU B 65 -5.57 -1.10 16.66
CA GLU B 65 -5.39 -0.91 18.12
C GLU B 65 -3.90 -0.81 18.48
N LYS B 66 -3.01 -1.41 17.66
CA LYS B 66 -1.54 -1.44 17.87
C LYS B 66 -0.90 -0.22 17.19
N LYS B 67 0.43 -0.10 17.30
CA LYS B 67 1.25 1.01 16.72
C LYS B 67 0.62 1.50 15.42
N GLY B 68 0.47 2.83 15.28
CA GLY B 68 -0.14 3.49 14.11
C GLY B 68 -1.65 3.52 14.19
N GLY B 69 -2.22 2.82 15.18
CA GLY B 69 -3.65 2.92 15.57
C GLY B 69 -3.97 4.30 16.10
N LEU B 70 -5.25 4.69 16.05
CA LEU B 70 -5.72 6.08 16.30
C LEU B 70 -5.44 6.46 17.75
N ARG B 71 -5.66 5.53 18.69
CA ARG B 71 -5.40 5.68 20.15
C ARG B 71 -3.98 6.22 20.36
N GLU B 72 -2.95 5.43 20.00
CA GLU B 72 -1.52 5.80 20.19
C GLU B 72 -1.24 7.16 19.51
N LEU B 73 -1.64 7.31 18.24
CA LEU B 73 -1.43 8.58 17.47
C LEU B 73 -2.00 9.76 18.26
N TYR B 74 -3.25 9.67 18.73
CA TYR B 74 -3.91 10.74 19.53
C TYR B 74 -3.14 10.98 20.85
N ASP B 75 -2.84 9.90 21.60
CA ASP B 75 -2.01 9.94 22.85
C ASP B 75 -0.83 10.90 22.65
N ARG B 76 0.02 10.63 21.64
CA ARG B 76 1.24 11.44 21.31
C ARG B 76 0.81 12.87 20.95
N GLY B 77 -0.31 13.00 20.24
CA GLY B 77 -0.90 14.29 19.86
C GLY B 77 0.02 15.02 18.89
N PRO B 78 -0.21 16.32 18.62
CA PRO B 78 -1.15 17.13 19.40
C PRO B 78 -2.60 16.94 19.00
N PRO B 79 -3.57 17.11 19.93
CA PRO B 79 -5.00 16.85 19.66
C PRO B 79 -5.68 17.73 18.60
N HIS B 80 -5.19 18.94 18.34
CA HIS B 80 -5.83 19.94 17.42
C HIS B 80 -5.58 19.53 15.97
N ALA B 81 -4.64 18.60 15.77
CA ALA B 81 -4.25 18.08 14.44
C ALA B 81 -5.30 17.08 13.91
N PHE B 82 -6.12 16.49 14.79
CA PHE B 82 -6.92 15.25 14.52
C PHE B 82 -8.37 15.60 14.16
N PHE B 83 -8.84 15.18 12.98
CA PHE B 83 -10.20 15.43 12.44
C PHE B 83 -10.89 14.14 11.96
N LEU B 84 -12.22 14.13 12.06
CA LEU B 84 -13.14 13.12 11.50
C LEU B 84 -13.89 13.73 10.32
N VAL B 85 -13.95 13.04 9.18
CA VAL B 85 -14.82 13.39 8.04
C VAL B 85 -15.84 12.25 7.81
N LYS B 86 -17.11 12.60 7.80
CA LYS B 86 -18.21 11.67 7.45
C LYS B 86 -18.58 11.99 6.01
N PHE B 87 -18.52 11.00 5.12
CA PHE B 87 -18.90 11.16 3.69
C PHE B 87 -20.21 10.43 3.45
N TRP B 88 -21.10 11.02 2.67
CA TRP B 88 -22.24 10.33 2.00
C TRP B 88 -21.87 10.28 0.52
N ALA B 89 -21.35 9.13 0.06
CA ALA B 89 -20.77 8.95 -1.28
C ALA B 89 -21.89 8.79 -2.30
N ASP B 90 -21.55 9.04 -3.57
CA ASP B 90 -22.44 8.93 -4.75
C ASP B 90 -21.94 7.81 -5.66
N LEU B 91 -22.65 6.67 -5.71
CA LEU B 91 -22.20 5.44 -6.41
C LEU B 91 -23.09 5.15 -7.63
N ASN B 92 -23.80 6.17 -8.13
CA ASN B 92 -24.72 6.05 -9.31
C ASN B 92 -23.98 6.62 -10.52
N TRP B 93 -23.37 5.73 -11.32
CA TRP B 93 -22.70 6.04 -12.61
C TRP B 93 -22.71 4.80 -13.52
CA GLY B 110 -12.62 3.89 -16.76
C GLY B 110 -11.31 4.03 -16.00
N PHE B 111 -10.94 5.25 -15.64
CA PHE B 111 -9.77 5.56 -14.76
C PHE B 111 -10.29 5.98 -13.38
N TYR B 112 -9.88 5.25 -12.34
CA TYR B 112 -10.24 5.54 -10.91
C TYR B 112 -9.09 6.35 -10.28
N GLY B 113 -9.41 7.54 -9.81
CA GLY B 113 -8.39 8.50 -9.36
C GLY B 113 -8.71 9.10 -8.01
N VAL B 114 -7.68 9.50 -7.30
CA VAL B 114 -7.77 10.34 -6.06
C VAL B 114 -6.87 11.57 -6.25
N SER B 115 -7.39 12.75 -5.89
CA SER B 115 -6.71 14.07 -6.02
C SER B 115 -6.79 14.83 -4.70
N SER B 116 -5.61 15.12 -4.13
CA SER B 116 -5.44 15.92 -2.89
C SER B 116 -4.66 17.18 -3.21
N GLN B 117 -5.05 18.31 -2.61
CA GLN B 117 -4.30 19.59 -2.63
C GLN B 117 -4.29 20.15 -1.22
N TYR B 118 -3.11 20.38 -0.69
CA TYR B 118 -2.89 20.99 0.63
C TYR B 118 -2.15 22.31 0.39
N GLU B 119 -2.01 23.13 1.44
CA GLU B 119 -1.27 24.41 1.33
C GLU B 119 -0.72 24.81 2.70
N SER B 120 0.36 25.59 2.70
CA SER B 120 0.92 26.27 3.89
C SER B 120 1.76 27.48 3.48
N LEU B 121 2.16 28.27 4.48
CA LEU B 121 3.07 29.43 4.28
C LEU B 121 4.53 28.97 4.44
N GLU B 122 4.79 27.82 5.09
CA GLU B 122 6.16 27.26 5.24
C GLU B 122 6.44 26.31 4.07
N HIS B 123 7.66 26.36 3.51
CA HIS B 123 8.19 25.36 2.55
C HIS B 123 8.52 24.09 3.32
N MET B 124 7.84 22.98 3.02
CA MET B 124 8.10 21.66 3.65
C MET B 124 8.11 20.57 2.57
N THR B 125 8.52 19.38 2.97
CA THR B 125 8.24 18.12 2.26
C THR B 125 7.28 17.27 3.11
N LEU B 126 6.18 16.86 2.50
CA LEU B 126 5.08 16.11 3.19
C LEU B 126 5.20 14.62 2.90
N THR B 127 5.00 13.80 3.94
CA THR B 127 4.58 12.36 3.88
C THR B 127 3.07 12.30 4.10
N CYS B 128 2.35 11.71 3.14
CA CYS B 128 0.89 11.40 3.22
C CYS B 128 0.71 9.89 3.34
N SER B 129 0.59 9.35 4.56
CA SER B 129 0.27 7.92 4.82
C SER B 129 -1.24 7.71 4.92
N SER B 130 -1.80 6.91 4.01
CA SER B 130 -3.25 6.64 3.83
C SER B 130 -3.53 5.16 3.99
N LYS B 131 -4.39 4.81 4.95
CA LYS B 131 -4.69 3.40 5.33
C LYS B 131 -6.15 3.12 5.06
N VAL B 132 -6.45 2.01 4.41
CA VAL B 132 -7.82 1.49 4.36
C VAL B 132 -7.95 0.46 5.46
N CYS B 133 -8.99 0.56 6.27
CA CYS B 133 -9.27 -0.41 7.34
C CYS B 133 -10.62 -1.09 7.11
N SER B 134 -10.63 -2.40 7.32
CA SER B 134 -11.81 -3.28 7.13
C SER B 134 -11.97 -4.06 8.42
N PHE B 135 -13.04 -3.78 9.17
CA PHE B 135 -13.35 -4.36 10.51
C PHE B 135 -12.21 -4.06 11.49
N GLY B 136 -11.71 -2.82 11.47
CA GLY B 136 -10.69 -2.33 12.40
C GLY B 136 -9.33 -2.96 12.15
N LYS B 137 -9.05 -3.38 10.91
CA LYS B 137 -7.77 -4.01 10.51
C LYS B 137 -7.27 -3.32 9.23
N GLN B 138 -6.01 -2.89 9.20
CA GLN B 138 -5.40 -2.27 8.00
C GLN B 138 -5.42 -3.32 6.89
N VAL B 139 -5.91 -2.98 5.71
CA VAL B 139 -5.87 -3.86 4.52
C VAL B 139 -5.10 -3.15 3.41
N VAL B 140 -4.91 -1.82 3.51
CA VAL B 140 -4.04 -1.07 2.57
C VAL B 140 -3.30 0.00 3.35
N GLU B 141 -2.00 0.18 3.09
CA GLU B 141 -1.28 1.44 3.39
C GLU B 141 -0.58 1.94 2.14
N LYS B 142 -0.87 3.16 1.71
CA LYS B 142 -0.13 3.90 0.68
C LYS B 142 0.63 5.04 1.35
N VAL B 143 1.94 5.13 1.09
CA VAL B 143 2.85 6.23 1.54
C VAL B 143 3.33 7.00 0.30
N GLU B 144 2.98 8.30 0.22
CA GLU B 144 3.37 9.27 -0.84
C GLU B 144 4.09 10.45 -0.19
N THR B 145 4.95 11.12 -0.96
CA THR B 145 5.63 12.39 -0.56
C THR B 145 5.44 13.43 -1.67
N GLU B 146 5.11 14.66 -1.27
CA GLU B 146 5.05 15.84 -2.17
C GLU B 146 5.91 16.96 -1.55
N ARG B 147 6.72 17.59 -2.39
CA ARG B 147 7.53 18.79 -2.05
C ARG B 147 6.66 20.00 -2.32
N ALA B 148 6.78 21.04 -1.51
CA ALA B 148 6.13 22.34 -1.75
C ALA B 148 6.45 22.80 -3.16
N GLN B 149 5.47 23.38 -3.83
CA GLN B 149 5.62 24.16 -5.08
C GLN B 149 5.04 25.55 -4.80
N LEU B 150 5.73 26.61 -5.23
CA LEU B 150 5.29 28.01 -5.03
C LEU B 150 4.22 28.35 -6.06
N GLU B 151 3.09 28.89 -5.61
CA GLU B 151 2.01 29.49 -6.44
C GLU B 151 1.27 30.57 -5.64
N ASP B 152 1.12 31.76 -6.23
CA ASP B 152 0.26 32.88 -5.76
C ASP B 152 0.49 33.13 -4.26
N GLY B 153 1.74 33.28 -3.83
CA GLY B 153 2.07 33.80 -2.48
C GLY B 153 2.20 32.71 -1.42
N ARG B 154 1.69 31.50 -1.65
CA ARG B 154 1.75 30.36 -0.69
C ARG B 154 2.40 29.15 -1.35
N PHE B 155 2.65 28.11 -0.55
CA PHE B 155 3.13 26.78 -1.01
C PHE B 155 1.96 25.80 -1.10
N VAL B 156 1.79 25.18 -2.27
CA VAL B 156 0.81 24.07 -2.52
C VAL B 156 1.52 22.72 -2.47
N TYR B 157 0.76 21.69 -2.15
CA TYR B 157 1.18 20.27 -2.22
C TYR B 157 0.13 19.50 -3.03
N ARG B 158 0.28 19.49 -4.38
CA ARG B 158 -0.66 18.86 -5.36
C ARG B 158 -0.33 17.36 -5.55
N LEU B 159 -1.21 16.46 -5.10
CA LEU B 159 -1.17 15.01 -5.41
C LEU B 159 -2.37 14.66 -6.31
N LEU B 160 -2.25 14.91 -7.62
CA LEU B 160 -3.41 14.85 -8.56
C LEU B 160 -3.43 13.49 -9.26
N ARG B 161 -4.63 12.94 -9.49
CA ARG B 161 -4.86 11.71 -10.29
C ARG B 161 -3.92 10.59 -9.80
N SER B 162 -3.77 10.42 -8.48
CA SER B 162 -3.03 9.26 -7.90
C SER B 162 -3.89 8.01 -8.08
N PRO B 163 -3.54 7.09 -9.00
CA PRO B 163 -4.49 6.07 -9.38
C PRO B 163 -4.97 5.40 -8.10
N MET B 164 -6.27 5.31 -7.94
CA MET B 164 -6.92 4.62 -6.82
C MET B 164 -6.39 3.17 -6.78
N CYS B 165 -5.95 2.69 -5.62
CA CYS B 165 -5.45 1.30 -5.45
C CYS B 165 -6.53 0.30 -5.88
N GLU B 166 -6.11 -0.93 -6.16
CA GLU B 166 -6.93 -1.99 -6.79
C GLU B 166 -8.01 -2.45 -5.79
N TYR B 167 -7.69 -2.57 -4.49
CA TYR B 167 -8.67 -2.92 -3.44
C TYR B 167 -9.91 -2.00 -3.58
N LEU B 168 -9.71 -0.68 -3.67
CA LEU B 168 -10.83 0.30 -3.74
C LEU B 168 -11.54 0.22 -5.09
N VAL B 169 -10.85 0.09 -6.23
CA VAL B 169 -11.51 -0.07 -7.56
C VAL B 169 -12.43 -1.30 -7.51
N ASN B 170 -11.94 -2.46 -7.06
CA ASN B 170 -12.70 -3.75 -7.00
C ASN B 170 -13.86 -3.63 -5.99
N PHE B 171 -13.59 -3.04 -4.82
CA PHE B 171 -14.62 -2.78 -3.78
C PHE B 171 -15.77 -1.91 -4.35
N LEU B 172 -15.46 -0.81 -5.02
CA LEU B 172 -16.48 0.12 -5.57
C LEU B 172 -17.24 -0.61 -6.69
N HIS B 173 -16.54 -1.39 -7.51
CA HIS B 173 -17.18 -2.12 -8.62
C HIS B 173 -18.25 -3.08 -8.05
N LYS B 174 -17.98 -3.67 -6.89
CA LYS B 174 -18.95 -4.60 -6.24
C LYS B 174 -20.02 -3.80 -5.52
N LEU B 175 -19.61 -2.84 -4.68
CA LEU B 175 -20.50 -1.95 -3.90
C LEU B 175 -21.61 -1.39 -4.79
N ARG B 176 -21.28 -0.98 -6.01
CA ARG B 176 -22.25 -0.31 -6.90
C ARG B 176 -23.24 -1.31 -7.53
N GLN B 177 -23.09 -2.62 -7.28
CA GLN B 177 -24.03 -3.68 -7.78
C GLN B 177 -25.15 -3.95 -6.76
N LEU B 178 -24.98 -3.56 -5.50
CA LEU B 178 -25.97 -3.83 -4.43
C LEU B 178 -27.30 -3.18 -4.80
N PRO B 179 -28.42 -3.94 -4.72
CA PRO B 179 -29.72 -3.45 -5.14
C PRO B 179 -30.37 -2.39 -4.23
N GLU B 180 -29.85 -2.17 -3.02
CA GLU B 180 -30.49 -1.28 -2.01
C GLU B 180 -29.44 -0.44 -1.33
N ARG B 181 -29.73 0.84 -1.19
CA ARG B 181 -28.90 1.84 -0.46
C ARG B 181 -28.61 1.29 0.94
N TYR B 182 -29.57 0.70 1.64
CA TYR B 182 -29.36 0.30 3.05
C TYR B 182 -28.34 -0.84 3.09
N MET B 183 -28.28 -1.65 2.03
CA MET B 183 -27.29 -2.76 1.95
C MET B 183 -25.88 -2.16 1.78
N MET B 184 -25.70 -1.15 0.92
CA MET B 184 -24.41 -0.44 0.80
C MET B 184 -23.96 0.14 2.17
N ASN B 185 -24.86 0.74 2.94
CA ASN B 185 -24.53 1.33 4.26
C ASN B 185 -24.15 0.22 5.24
N SER B 186 -24.80 -0.93 5.17
CA SER B 186 -24.44 -2.12 5.99
C SER B 186 -23.01 -2.55 5.69
N VAL B 187 -22.65 -2.60 4.41
CA VAL B 187 -21.28 -2.98 3.97
C VAL B 187 -20.30 -1.91 4.45
N LEU B 188 -20.63 -0.62 4.26
CA LEU B 188 -19.71 0.54 4.52
C LEU B 188 -19.50 0.78 6.02
N GLU B 189 -20.37 0.25 6.87
CA GLU B 189 -20.28 0.36 8.34
C GLU B 189 -18.87 -0.07 8.81
N ASN B 190 -18.27 -1.08 8.14
CA ASN B 190 -17.03 -1.77 8.58
C ASN B 190 -15.81 -1.24 7.82
N PHE B 191 -15.99 -0.16 7.06
CA PHE B 191 -14.99 0.38 6.12
C PHE B 191 -14.59 1.80 6.55
N THR B 192 -13.32 2.02 6.89
CA THR B 192 -12.80 3.35 7.29
C THR B 192 -11.45 3.61 6.63
N ILE B 193 -11.12 4.89 6.44
CA ILE B 193 -9.81 5.39 5.96
C ILE B 193 -9.22 6.32 7.02
N LEU B 194 -7.92 6.21 7.23
CA LEU B 194 -7.11 7.11 8.11
C LEU B 194 -5.97 7.68 7.29
N GLN B 195 -5.89 9.00 7.18
CA GLN B 195 -4.73 9.73 6.59
C GLN B 195 -3.92 10.40 7.70
N VAL B 196 -2.60 10.15 7.71
CA VAL B 196 -1.61 10.87 8.56
C VAL B 196 -0.69 11.67 7.63
N VAL B 197 -0.61 12.98 7.83
CA VAL B 197 0.31 13.87 7.06
C VAL B 197 1.31 14.46 8.03
N THR B 198 2.57 14.11 7.83
CA THR B 198 3.75 14.45 8.66
C THR B 198 4.70 15.31 7.83
N ASN B 199 5.50 16.10 8.53
CA ASN B 199 6.65 16.85 7.96
C ASN B 199 7.79 15.84 7.83
N ARG B 200 8.19 15.47 6.63
CA ARG B 200 9.19 14.36 6.44
C ARG B 200 10.43 14.69 7.28
N ASP B 201 10.85 15.97 7.31
CA ASP B 201 12.15 16.43 7.85
C ASP B 201 12.14 16.43 9.38
N THR B 202 11.01 16.75 10.04
CA THR B 202 10.90 16.74 11.53
C THR B 202 10.26 15.43 12.03
N GLN B 203 9.43 14.76 11.21
CA GLN B 203 8.60 13.60 11.65
C GLN B 203 7.58 14.09 12.71
N GLU B 204 7.12 15.34 12.55
CA GLU B 204 6.03 15.96 13.37
C GLU B 204 4.72 15.79 12.61
N LEU B 205 3.66 15.33 13.29
CA LEU B 205 2.32 15.19 12.69
C LEU B 205 1.77 16.59 12.43
N LEU B 206 1.33 16.88 11.21
CA LEU B 206 0.63 18.14 10.85
C LEU B 206 -0.88 17.91 10.84
N LEU B 207 -1.33 16.74 10.38
CA LEU B 207 -2.74 16.46 10.01
C LEU B 207 -3.02 14.97 10.12
N CYS B 208 -4.05 14.58 10.87
CA CYS B 208 -4.56 13.20 10.94
C CYS B 208 -6.07 13.25 10.75
N THR B 209 -6.55 12.58 9.70
CA THR B 209 -7.97 12.56 9.29
C THR B 209 -8.49 11.12 9.26
N ALA B 210 -9.58 10.90 10.00
CA ALA B 210 -10.41 9.68 9.98
C ALA B 210 -11.59 9.91 9.07
N TYR B 211 -11.85 8.98 8.15
CA TYR B 211 -13.00 9.02 7.21
C TYR B 211 -13.93 7.82 7.45
N VAL B 212 -15.22 8.09 7.52
CA VAL B 212 -16.28 7.05 7.64
C VAL B 212 -17.27 7.34 6.53
N PHE B 213 -18.05 6.34 6.10
CA PHE B 213 -18.80 6.39 4.82
C PHE B 213 -20.21 5.80 4.95
N GLU B 214 -21.12 6.42 4.23
CA GLU B 214 -22.47 5.92 3.90
C GLU B 214 -22.69 6.36 2.46
N VAL B 215 -23.81 6.01 1.87
CA VAL B 215 -24.18 6.42 0.48
C VAL B 215 -25.28 7.48 0.57
N SER B 216 -25.30 8.40 -0.38
CA SER B 216 -26.44 9.33 -0.62
C SER B 216 -27.30 8.75 -1.75
N THR B 217 -28.37 9.44 -2.13
CA THR B 217 -29.18 9.14 -3.34
C THR B 217 -28.58 9.96 -4.50
N SER B 218 -28.98 9.68 -5.74
CA SER B 218 -28.68 10.53 -6.93
C SER B 218 -29.27 11.93 -6.71
N GLU B 219 -30.51 11.98 -6.18
CA GLU B 219 -31.22 13.21 -5.74
C GLU B 219 -30.28 14.06 -4.88
N ARG B 220 -29.93 13.58 -3.67
CA ARG B 220 -29.23 14.37 -2.63
C ARG B 220 -27.80 14.70 -3.08
N GLY B 221 -27.13 13.75 -3.74
CA GLY B 221 -25.73 13.90 -4.21
C GLY B 221 -24.73 13.79 -3.06
N ALA B 222 -23.44 13.88 -3.37
CA ALA B 222 -22.33 13.76 -2.40
C ALA B 222 -22.46 14.84 -1.31
N GLN B 223 -21.98 14.53 -0.13
CA GLN B 223 -22.02 15.41 1.06
C GLN B 223 -20.94 14.94 2.01
N HIS B 224 -20.41 15.86 2.82
CA HIS B 224 -19.44 15.55 3.88
C HIS B 224 -19.76 16.42 5.09
N HIS B 225 -19.24 16.07 6.26
CA HIS B 225 -19.21 16.97 7.44
C HIS B 225 -17.87 16.79 8.12
N ILE B 226 -17.24 17.88 8.52
CA ILE B 226 -15.91 17.84 9.18
C ILE B 226 -16.11 18.12 10.65
N TYR B 227 -15.44 17.37 11.51
CA TYR B 227 -15.55 17.49 12.98
C TYR B 227 -14.15 17.48 13.60
N ARG B 228 -13.93 18.30 14.63
CA ARG B 228 -12.73 18.23 15.50
C ARG B 228 -12.86 16.97 16.34
N LEU B 229 -11.76 16.28 16.62
CA LEU B 229 -11.74 15.06 17.45
C LEU B 229 -11.16 15.42 18.83
N VAL B 230 -11.94 15.20 19.89
CA VAL B 230 -11.63 15.69 21.28
C VAL B 230 -11.62 14.49 22.23
N ARG B 231 -10.91 14.61 23.35
CA ARG B 231 -10.72 13.51 24.34
C ARG B 231 -10.76 14.11 25.74
#